data_4BH8
#
_entry.id   4BH8
#
_cell.length_a   54.410
_cell.length_b   76.970
_cell.length_c   59.260
_cell.angle_alpha   90.00
_cell.angle_beta   101.74
_cell.angle_gamma   90.00
#
_symmetry.space_group_name_H-M   'P 1 21 1'
#
loop_
_entity.id
_entity.type
_entity.pdbx_description
1 polymer 'ANTI-ARS MURINE GERMLINE MONOCLONAL ANTIBODY 36-65'
2 polymer 'ANTI-ARS MURINE GERMLINE MONOCLONAL ANTIBODY 36-65'
3 polymer 'DODECAPEPTIDE ANTIGEN'
4 water water
#
loop_
_entity_poly.entity_id
_entity_poly.type
_entity_poly.pdbx_seq_one_letter_code
_entity_poly.pdbx_strand_id
1 'polypeptide(L)'
;DISMTQGTSSLSARLGDRVTISCRASQDISNYLNWYQQKPDGTVSLLIYYGSRLHSGVPSRFSGSGSGTDYSLTISTLEQ
EDIATYFCQQGNTLPRTFGGGTKLEIKRADAAPTVSIFPPSSEQLTSGGASVVCFLNNFYPKDINVKWKIDGSERQNGVL
NSWTDQDSKDKTYSMSSTLTLTKDEYERHNSYTCEATHKKSTSPIVKSFNRNEC
;
A
2 'polypeptide(L)'
;EVQLQQSGAELVRAGSSVKMSCKASGYTFTSYGINWVKQRPGQGLEWIGYINPGNGYTKYNEKFKGKTTLTVDKSSSTAY
MQLRSLTSEDSAVYFCARSVYYGGSYYFDYWGQGTTLTVSSAKTTPPSVYPLAPGSAAQTNSMVTLGCLVKGYFPEPVTV
TWNSGSLSSGVHTFPAVLQSDLYTLSSSVTVPSSPRPSETVTCNVAHPASSTKVDKKIVPRD
;
B
3 'polypeptide(L)' GDPRPSYISHLL P
#
# COMPACT_ATOMS: atom_id res chain seq x y z
N ASP A 1 21.40 -4.63 -15.87
CA ASP A 1 20.28 -5.62 -15.72
C ASP A 1 19.26 -5.50 -16.83
N ILE A 2 18.31 -6.42 -16.82
CA ILE A 2 17.25 -6.41 -17.81
C ILE A 2 16.05 -5.72 -17.19
N SER A 3 15.70 -4.54 -17.71
CA SER A 3 14.54 -3.80 -17.19
C SER A 3 13.23 -4.40 -17.70
N MET A 4 12.28 -4.60 -16.79
CA MET A 4 10.99 -5.13 -17.18
C MET A 4 9.96 -4.00 -17.02
N THR A 5 9.22 -3.72 -18.08
CA THR A 5 8.23 -2.65 -18.03
C THR A 5 6.80 -3.11 -18.33
N GLN A 6 5.87 -2.62 -17.52
CA GLN A 6 4.46 -2.92 -17.72
C GLN A 6 3.85 -1.56 -18.03
N GLY A 7 3.47 -1.37 -19.28
CA GLY A 7 2.90 -0.10 -19.70
C GLY A 7 1.84 0.46 -18.76
N THR A 8 0.90 -0.37 -18.35
CA THR A 8 -0.16 0.11 -17.50
C THR A 8 0.09 -0.13 -16.02
N SER A 9 -0.07 0.91 -15.22
CA SER A 9 0.12 0.82 -13.77
C SER A 9 -1.22 0.38 -13.14
N SER A 10 -2.32 0.95 -13.62
CA SER A 10 -3.65 0.60 -13.15
C SER A 10 -4.48 0.37 -14.39
N LEU A 11 -5.31 -0.67 -14.37
CA LEU A 11 -6.14 -1.02 -15.51
C LEU A 11 -7.58 -1.23 -15.09
N SER A 12 -8.51 -0.66 -15.86
CA SER A 12 -9.94 -0.80 -15.54
C SER A 12 -10.58 -1.91 -16.35
N ALA A 13 -11.53 -2.63 -15.72
CA ALA A 13 -12.24 -3.71 -16.38
C ALA A 13 -13.51 -4.13 -15.65
N ARG A 14 -14.45 -4.72 -16.38
CA ARG A 14 -15.70 -5.19 -15.77
C ARG A 14 -15.61 -6.70 -15.64
N LEU A 15 -16.31 -7.28 -14.66
CA LEU A 15 -16.27 -8.73 -14.49
C LEU A 15 -16.77 -9.35 -15.79
N GLY A 16 -16.13 -10.43 -16.23
CA GLY A 16 -16.50 -11.09 -17.47
C GLY A 16 -15.75 -10.57 -18.68
N ASP A 17 -14.91 -9.55 -18.52
CA ASP A 17 -14.15 -9.03 -19.65
C ASP A 17 -12.90 -9.85 -19.90
N ARG A 18 -12.35 -9.71 -21.11
CA ARG A 18 -11.14 -10.38 -21.51
C ARG A 18 -10.06 -9.35 -21.22
N VAL A 19 -9.29 -9.57 -20.16
CA VAL A 19 -8.26 -8.64 -19.74
C VAL A 19 -6.86 -9.01 -20.20
N THR A 20 -6.10 -8.01 -20.65
CA THR A 20 -4.73 -8.23 -21.12
C THR A 20 -3.74 -7.31 -20.43
N ILE A 21 -2.76 -7.92 -19.77
CA ILE A 21 -1.72 -7.18 -19.07
C ILE A 21 -0.40 -7.39 -19.83
N SER A 22 0.25 -6.31 -20.26
CA SER A 22 1.49 -6.43 -21.01
C SER A 22 2.74 -6.24 -20.18
N CYS A 23 3.87 -6.54 -20.79
CA CYS A 23 5.16 -6.45 -20.12
C CYS A 23 6.24 -6.63 -21.17
N ARG A 24 7.27 -5.80 -21.14
CA ARG A 24 8.35 -5.85 -22.13
C ARG A 24 9.74 -5.81 -21.50
N ALA A 25 10.59 -6.76 -21.87
CA ALA A 25 11.96 -6.80 -21.37
C ALA A 25 12.80 -5.88 -22.23
N SER A 26 13.89 -5.35 -21.66
CA SER A 26 14.79 -4.44 -22.36
C SER A 26 15.61 -5.21 -23.38
N GLN A 27 15.54 -6.54 -23.30
CA GLN A 27 16.26 -7.40 -24.23
C GLN A 27 15.59 -8.76 -24.28
N ASP A 28 16.03 -9.59 -25.23
CA ASP A 28 15.47 -10.92 -25.42
C ASP A 28 15.68 -11.79 -24.19
N ILE A 29 14.60 -12.34 -23.66
CA ILE A 29 14.69 -13.18 -22.47
C ILE A 29 14.33 -14.63 -22.73
N SER A 30 14.32 -14.99 -24.00
CA SER A 30 14.06 -16.36 -24.44
C SER A 30 12.90 -17.06 -23.72
N ASN A 31 11.76 -16.39 -23.65
CA ASN A 31 10.59 -16.97 -22.99
C ASN A 31 10.81 -17.28 -21.51
N TYR A 32 11.78 -16.65 -20.86
CA TYR A 32 11.96 -16.92 -19.43
C TYR A 32 11.18 -15.86 -18.65
N LEU A 33 9.86 -15.97 -18.73
CA LEU A 33 8.97 -15.02 -18.09
C LEU A 33 7.94 -15.68 -17.18
N ASN A 34 7.70 -15.06 -16.03
CA ASN A 34 6.73 -15.59 -15.07
C ASN A 34 5.75 -14.53 -14.63
N TRP A 35 4.56 -14.97 -14.22
CA TRP A 35 3.52 -14.06 -13.75
C TRP A 35 3.11 -14.39 -12.33
N TYR A 36 2.99 -13.37 -11.49
CA TYR A 36 2.57 -13.57 -10.12
C TYR A 36 1.39 -12.66 -9.84
N GLN A 37 0.52 -13.12 -8.95
CA GLN A 37 -0.67 -12.37 -8.58
C GLN A 37 -0.58 -11.97 -7.11
N GLN A 38 -0.56 -10.67 -6.84
CA GLN A 38 -0.51 -10.22 -5.46
C GLN A 38 -1.83 -9.59 -5.06
N LYS A 39 -2.35 -10.08 -3.93
CA LYS A 39 -3.61 -9.63 -3.38
C LYS A 39 -3.49 -8.43 -2.46
N PRO A 40 -4.62 -7.82 -2.13
CA PRO A 40 -4.55 -6.68 -1.24
C PRO A 40 -3.98 -7.23 0.08
N ASP A 41 -4.39 -8.43 0.44
CA ASP A 41 -3.96 -9.04 1.70
C ASP A 41 -3.32 -10.44 1.78
N GLY A 42 -3.97 -11.47 1.21
CA GLY A 42 -3.40 -12.84 1.28
C GLY A 42 -2.09 -12.94 0.49
N THR A 43 -1.83 -11.81 -0.17
CA THR A 43 -0.72 -11.39 -1.00
C THR A 43 -0.06 -12.11 -2.18
N VAL A 44 0.70 -13.20 -2.07
CA VAL A 44 1.32 -13.67 -3.34
C VAL A 44 1.33 -15.11 -3.82
N SER A 45 1.01 -15.28 -5.11
CA SER A 45 1.03 -16.61 -5.70
C SER A 45 1.36 -16.64 -7.20
N LEU A 46 1.97 -17.75 -7.61
CA LEU A 46 2.39 -17.96 -8.97
C LEU A 46 1.21 -18.41 -9.81
N LEU A 47 1.15 -17.93 -11.05
CA LEU A 47 0.08 -18.29 -11.97
C LEU A 47 0.63 -18.99 -13.19
N ILE A 48 1.54 -18.30 -13.87
CA ILE A 48 2.14 -18.80 -15.08
C ILE A 48 3.65 -18.66 -15.06
N TYR A 49 4.34 -19.70 -15.53
CA TYR A 49 5.79 -19.68 -15.57
C TYR A 49 6.27 -20.12 -16.93
N TYR A 50 7.46 -19.63 -17.28
CA TYR A 50 8.10 -19.96 -18.55
C TYR A 50 7.39 -19.51 -19.82
N GLY A 51 8.05 -18.57 -20.51
CA GLY A 51 7.55 -18.03 -21.77
C GLY A 51 6.11 -17.66 -21.67
N SER A 52 5.64 -17.58 -20.43
CA SER A 52 4.26 -17.23 -20.15
C SER A 52 3.27 -18.30 -20.55
N ARG A 53 3.62 -19.57 -20.67
CA ARG A 53 2.57 -20.50 -21.07
C ARG A 53 2.15 -21.58 -20.06
N LEU A 54 3.05 -21.95 -19.16
CA LEU A 54 2.72 -23.00 -18.22
C LEU A 54 1.87 -22.60 -17.02
N HIS A 55 0.92 -23.48 -16.70
CA HIS A 55 -0.01 -23.30 -15.59
C HIS A 55 0.65 -23.71 -14.26
N SER A 56 -0.14 -23.79 -13.19
CA SER A 56 0.39 -24.18 -11.88
C SER A 56 -0.65 -24.91 -11.01
N GLY A 57 -1.92 -24.62 -11.28
CA GLY A 57 -3.02 -25.22 -10.53
C GLY A 57 -4.08 -24.13 -10.40
N VAL A 58 -3.90 -23.11 -11.25
CA VAL A 58 -4.77 -21.96 -11.30
C VAL A 58 -5.79 -22.15 -12.40
N PRO A 59 -6.96 -21.49 -12.30
CA PRO A 59 -8.02 -21.61 -13.31
C PRO A 59 -7.54 -21.41 -14.74
N SER A 60 -8.11 -22.18 -15.65
CA SER A 60 -7.75 -22.15 -17.05
C SER A 60 -7.97 -20.78 -17.69
N ARG A 61 -8.78 -19.93 -17.06
CA ARG A 61 -9.04 -18.62 -17.65
C ARG A 61 -7.78 -17.75 -17.72
N PHE A 62 -6.72 -18.18 -17.02
CA PHE A 62 -5.44 -17.47 -17.02
C PHE A 62 -4.60 -18.09 -18.11
N SER A 63 -4.18 -17.27 -19.07
CA SER A 63 -3.39 -17.75 -20.18
C SER A 63 -2.22 -16.79 -20.38
N GLY A 64 -1.10 -17.31 -20.85
CA GLY A 64 0.04 -16.45 -21.07
C GLY A 64 0.70 -16.72 -22.41
N SER A 65 1.35 -15.70 -22.95
CA SER A 65 2.01 -15.84 -24.24
C SER A 65 3.09 -14.79 -24.36
N GLY A 66 3.75 -14.78 -25.51
CA GLY A 66 4.80 -13.81 -25.75
C GLY A 66 6.06 -14.48 -26.22
N SER A 67 7.05 -13.69 -26.56
CA SER A 67 8.33 -14.22 -27.03
C SER A 67 9.23 -13.02 -27.25
N GLY A 68 10.53 -13.28 -27.39
CA GLY A 68 11.46 -12.22 -27.60
C GLY A 68 11.45 -11.26 -26.42
N THR A 69 10.91 -10.07 -26.63
CA THR A 69 10.88 -9.06 -25.57
C THR A 69 9.47 -8.71 -25.09
N ASP A 70 8.45 -9.13 -25.82
CA ASP A 70 7.09 -8.80 -25.45
C ASP A 70 6.28 -10.01 -25.01
N TYR A 71 5.62 -9.89 -23.88
CA TYR A 71 4.81 -10.98 -23.35
C TYR A 71 3.55 -10.42 -22.74
N SER A 72 2.60 -11.28 -22.46
CA SER A 72 1.37 -10.81 -21.86
C SER A 72 0.54 -11.89 -21.18
N LEU A 73 -0.25 -11.44 -20.22
CA LEU A 73 -1.13 -12.30 -19.47
C LEU A 73 -2.53 -11.88 -19.90
N THR A 74 -3.38 -12.86 -20.20
CA THR A 74 -4.74 -12.57 -20.61
C THR A 74 -5.63 -13.30 -19.61
N ILE A 75 -6.59 -12.59 -19.06
CA ILE A 75 -7.52 -13.19 -18.12
C ILE A 75 -8.84 -13.20 -18.83
N SER A 76 -9.20 -14.36 -19.37
CA SER A 76 -10.45 -14.51 -20.06
C SER A 76 -11.57 -14.61 -19.01
N THR A 77 -12.64 -13.84 -19.19
CA THR A 77 -13.76 -13.85 -18.26
C THR A 77 -13.31 -13.51 -16.83
N LEU A 78 -12.98 -12.24 -16.60
CA LEU A 78 -12.51 -11.79 -15.30
C LEU A 78 -13.52 -12.01 -14.18
N GLU A 79 -13.03 -12.49 -13.04
CA GLU A 79 -13.89 -12.72 -11.89
C GLU A 79 -13.48 -11.83 -10.73
N GLN A 80 -14.35 -11.72 -9.73
CA GLN A 80 -14.10 -10.88 -8.57
C GLN A 80 -12.77 -11.16 -7.88
N GLU A 81 -12.49 -12.44 -7.58
CA GLU A 81 -11.24 -12.79 -6.93
C GLU A 81 -10.02 -12.46 -7.79
N ASP A 82 -10.25 -12.21 -9.08
CA ASP A 82 -9.14 -11.89 -9.97
C ASP A 82 -8.68 -10.45 -9.81
N ILE A 83 -9.50 -9.62 -9.18
CA ILE A 83 -9.12 -8.23 -8.97
C ILE A 83 -7.89 -8.20 -8.06
N ALA A 84 -6.76 -7.83 -8.64
CA ALA A 84 -5.51 -7.82 -7.89
C ALA A 84 -4.39 -7.18 -8.70
N THR A 85 -3.17 -7.26 -8.17
CA THR A 85 -2.00 -6.71 -8.84
C THR A 85 -1.19 -7.83 -9.49
N TYR A 86 -0.78 -7.61 -10.73
CA TYR A 86 -0.03 -8.60 -11.49
C TYR A 86 1.38 -8.12 -11.86
N PHE A 87 2.38 -8.94 -11.55
CA PHE A 87 3.78 -8.62 -11.84
C PHE A 87 4.43 -9.63 -12.80
N CYS A 88 5.22 -9.17 -13.76
CA CYS A 88 5.92 -10.12 -14.62
C CYS A 88 7.31 -10.23 -14.01
N GLN A 89 8.09 -11.21 -14.45
CA GLN A 89 9.42 -11.38 -13.88
C GLN A 89 10.29 -12.22 -14.80
N GLN A 90 11.43 -11.67 -15.22
CA GLN A 90 12.31 -12.40 -16.11
C GLN A 90 13.29 -13.30 -15.36
N GLY A 91 13.44 -14.53 -15.85
CA GLY A 91 14.35 -15.48 -15.24
C GLY A 91 15.41 -15.90 -16.23
N ASN A 92 15.85 -14.97 -17.06
CA ASN A 92 16.85 -15.26 -18.09
C ASN A 92 18.26 -14.98 -17.59
N THR A 93 18.48 -13.80 -17.02
CA THR A 93 19.79 -13.44 -16.52
C THR A 93 19.70 -12.94 -15.09
N LEU A 94 20.84 -12.71 -14.45
CA LEU A 94 20.86 -12.20 -13.08
C LEU A 94 21.32 -10.74 -13.09
N PRO A 95 20.79 -9.92 -12.15
CA PRO A 95 19.82 -10.27 -11.11
C PRO A 95 18.40 -10.46 -11.67
N ARG A 96 17.55 -11.15 -10.92
CA ARG A 96 16.16 -11.35 -11.37
C ARG A 96 15.44 -10.00 -11.28
N THR A 97 14.53 -9.74 -12.20
CA THR A 97 13.84 -8.46 -12.16
C THR A 97 12.35 -8.56 -12.46
N PHE A 98 11.59 -7.61 -11.88
CA PHE A 98 10.13 -7.58 -12.03
C PHE A 98 9.71 -6.32 -12.74
N GLY A 99 8.50 -6.34 -13.30
CA GLY A 99 7.98 -5.15 -13.94
C GLY A 99 7.30 -4.38 -12.81
N GLY A 100 6.98 -3.11 -13.03
CA GLY A 100 6.34 -2.33 -11.99
C GLY A 100 5.01 -2.88 -11.47
N GLY A 101 4.38 -3.76 -12.23
CA GLY A 101 3.11 -4.32 -11.79
C GLY A 101 1.90 -3.64 -12.43
N THR A 102 0.76 -4.31 -12.40
CA THR A 102 -0.46 -3.76 -12.98
C THR A 102 -1.68 -4.03 -12.08
N LYS A 103 -2.23 -2.99 -11.50
CA LYS A 103 -3.39 -3.19 -10.62
C LYS A 103 -4.72 -2.98 -11.34
N LEU A 104 -5.52 -4.04 -11.35
CA LEU A 104 -6.84 -4.02 -11.95
C LEU A 104 -7.84 -3.39 -10.98
N GLU A 105 -8.83 -2.69 -11.52
CA GLU A 105 -9.85 -2.05 -10.70
C GLU A 105 -11.14 -2.09 -11.50
N ILE A 106 -12.28 -2.06 -10.81
CA ILE A 106 -13.60 -2.13 -11.44
C ILE A 106 -14.09 -0.84 -12.12
N LYS A 107 -14.57 -0.98 -13.36
CA LYS A 107 -15.11 0.16 -14.10
C LYS A 107 -16.48 0.55 -13.52
N ARG A 108 -16.80 1.83 -13.53
CA ARG A 108 -18.09 2.29 -13.06
C ARG A 108 -18.31 3.66 -13.70
N ALA A 109 -19.40 4.33 -13.37
CA ALA A 109 -19.63 5.64 -13.96
C ALA A 109 -18.87 6.76 -13.23
N ASP A 110 -18.47 7.77 -13.99
CA ASP A 110 -17.75 8.91 -13.41
C ASP A 110 -18.56 9.54 -12.30
N ALA A 111 -17.88 9.95 -11.23
CA ALA A 111 -18.55 10.59 -10.11
C ALA A 111 -17.64 11.66 -9.50
N ALA A 112 -18.16 12.87 -9.39
CA ALA A 112 -17.39 13.97 -8.81
C ALA A 112 -17.20 13.76 -7.32
N PRO A 113 -16.05 14.19 -6.79
CA PRO A 113 -15.80 14.02 -5.36
C PRO A 113 -16.63 15.00 -4.54
N THR A 114 -16.98 14.63 -3.31
CA THR A 114 -17.69 15.54 -2.44
C THR A 114 -16.53 16.08 -1.61
N VAL A 115 -16.36 17.39 -1.59
CA VAL A 115 -15.23 17.98 -0.86
C VAL A 115 -15.59 18.68 0.45
N SER A 116 -14.79 18.45 1.47
CA SER A 116 -15.01 19.07 2.77
C SER A 116 -13.69 19.56 3.36
N ILE A 117 -13.71 20.78 3.86
CA ILE A 117 -12.50 21.33 4.46
C ILE A 117 -12.76 21.58 5.94
N PHE A 118 -11.73 21.43 6.77
CA PHE A 118 -11.88 21.64 8.20
C PHE A 118 -10.72 22.42 8.81
N PRO A 119 -11.03 23.52 9.50
CA PRO A 119 -9.97 24.34 10.13
C PRO A 119 -9.37 23.50 11.26
N PRO A 120 -8.26 23.97 11.87
CA PRO A 120 -7.62 23.23 12.96
C PRO A 120 -8.57 23.15 14.16
N SER A 121 -8.45 22.10 14.97
CA SER A 121 -9.31 21.99 16.13
C SER A 121 -8.70 22.81 17.26
N SER A 122 -9.55 23.40 18.09
CA SER A 122 -9.07 24.20 19.22
C SER A 122 -8.06 23.40 20.05
N GLU A 123 -8.36 22.13 20.28
CA GLU A 123 -7.48 21.28 21.06
C GLU A 123 -6.08 21.21 20.46
N GLN A 124 -5.99 20.93 19.16
CA GLN A 124 -4.67 20.86 18.54
C GLN A 124 -3.94 22.20 18.63
N LEU A 125 -4.68 23.29 18.44
CA LEU A 125 -4.06 24.60 18.52
C LEU A 125 -3.43 24.83 19.87
N THR A 126 -4.12 24.44 20.94
CA THR A 126 -3.61 24.65 22.30
C THR A 126 -2.26 23.98 22.50
N SER A 127 -1.90 23.08 21.60
CA SER A 127 -0.61 22.39 21.71
C SER A 127 0.38 22.93 20.70
N GLY A 128 0.13 24.14 20.23
CA GLY A 128 1.02 24.78 19.27
C GLY A 128 1.00 24.30 17.82
N GLY A 129 0.12 23.37 17.51
CA GLY A 129 0.05 22.87 16.15
C GLY A 129 -1.22 23.26 15.43
N ALA A 130 -1.21 23.14 14.10
CA ALA A 130 -2.37 23.49 13.30
C ALA A 130 -2.42 22.69 12.00
N SER A 131 -3.38 21.78 11.92
CA SER A 131 -3.55 20.97 10.73
C SER A 131 -4.90 21.26 10.09
N VAL A 132 -4.89 21.55 8.79
CA VAL A 132 -6.12 21.81 8.07
C VAL A 132 -6.36 20.54 7.28
N VAL A 133 -7.59 20.04 7.33
CA VAL A 133 -7.91 18.79 6.65
C VAL A 133 -8.97 18.93 5.56
N CYS A 134 -8.76 18.19 4.47
CA CYS A 134 -9.68 18.22 3.35
C CYS A 134 -9.97 16.81 2.84
N PHE A 135 -11.25 16.43 2.87
CA PHE A 135 -11.67 15.12 2.38
C PHE A 135 -12.26 15.27 1.00
N LEU A 136 -11.96 14.31 0.14
CA LEU A 136 -12.49 14.29 -1.22
C LEU A 136 -13.03 12.87 -1.30
N ASN A 137 -14.33 12.74 -1.04
CA ASN A 137 -14.96 11.43 -1.00
C ASN A 137 -15.80 10.95 -2.17
N ASN A 138 -15.83 9.63 -2.29
CA ASN A 138 -16.59 8.90 -3.31
C ASN A 138 -16.57 9.43 -4.74
N PHE A 139 -15.38 9.42 -5.35
CA PHE A 139 -15.21 9.88 -6.72
C PHE A 139 -14.68 8.77 -7.64
N TYR A 140 -14.78 9.00 -8.95
CA TYR A 140 -14.32 8.03 -9.93
C TYR A 140 -14.23 8.67 -11.31
N PRO A 141 -13.14 8.40 -12.06
CA PRO A 141 -12.00 7.52 -11.76
C PRO A 141 -11.11 8.02 -10.61
N LYS A 142 -10.17 7.17 -10.19
CA LYS A 142 -9.28 7.47 -9.07
C LYS A 142 -8.27 8.60 -9.22
N ASP A 143 -7.96 8.98 -10.45
CA ASP A 143 -7.01 10.07 -10.65
C ASP A 143 -7.64 11.38 -10.25
N ILE A 144 -6.93 12.14 -9.43
CA ILE A 144 -7.44 13.40 -8.93
C ILE A 144 -6.26 14.26 -8.47
N ASN A 145 -6.45 15.57 -8.46
CA ASN A 145 -5.40 16.47 -8.03
C ASN A 145 -5.92 17.45 -7.00
N VAL A 146 -5.29 17.47 -5.82
CA VAL A 146 -5.67 18.39 -4.78
C VAL A 146 -4.58 19.46 -4.66
N LYS A 147 -5.01 20.71 -4.55
CA LYS A 147 -4.08 21.83 -4.46
C LYS A 147 -4.47 22.69 -3.24
N TRP A 148 -3.48 23.08 -2.43
CA TRP A 148 -3.75 23.92 -1.26
C TRP A 148 -3.27 25.35 -1.52
N LYS A 149 -4.06 26.33 -1.10
CA LYS A 149 -3.67 27.72 -1.25
C LYS A 149 -3.82 28.41 0.08
N ILE A 150 -2.81 29.17 0.47
CA ILE A 150 -2.87 29.91 1.72
C ILE A 150 -2.89 31.39 1.33
N ASP A 151 -3.93 32.10 1.76
CA ASP A 151 -4.03 33.50 1.42
C ASP A 151 -3.93 33.71 -0.08
N GLY A 152 -4.47 32.79 -0.85
CA GLY A 152 -4.48 32.95 -2.29
C GLY A 152 -3.41 32.27 -3.12
N SER A 153 -2.27 31.94 -2.54
CA SER A 153 -1.25 31.28 -3.33
C SER A 153 -0.95 29.86 -2.88
N GLU A 154 -0.58 29.05 -3.85
CA GLU A 154 -0.27 27.65 -3.66
C GLU A 154 0.78 27.30 -2.61
N ARG A 155 0.46 26.31 -1.77
CA ARG A 155 1.34 25.81 -0.71
C ARG A 155 1.58 24.32 -0.95
N GLN A 156 2.82 23.85 -0.78
CA GLN A 156 3.13 22.44 -0.98
C GLN A 156 3.91 21.71 0.12
N ASN A 157 4.55 22.46 1.01
CA ASN A 157 5.27 21.85 2.12
C ASN A 157 4.35 21.73 3.31
N GLY A 158 4.36 20.56 3.96
CA GLY A 158 3.49 20.35 5.10
C GLY A 158 2.18 19.70 4.68
N VAL A 159 2.14 19.20 3.45
CA VAL A 159 0.93 18.57 2.93
C VAL A 159 1.13 17.06 2.81
N LEU A 160 0.28 16.29 3.49
CA LEU A 160 0.34 14.83 3.40
C LEU A 160 -1.01 14.30 2.90
N ASN A 161 -0.96 13.35 1.96
CA ASN A 161 -2.19 12.80 1.38
C ASN A 161 -2.33 11.29 1.55
N SER A 162 -3.56 10.81 1.60
CA SER A 162 -3.86 9.38 1.72
C SER A 162 -4.99 9.01 0.79
N TRP A 163 -4.86 7.86 0.17
CA TRP A 163 -5.86 7.35 -0.76
C TRP A 163 -6.39 6.00 -0.29
N THR A 164 -7.69 5.81 -0.41
CA THR A 164 -8.31 4.56 -0.01
C THR A 164 -8.33 3.68 -1.25
N ASP A 165 -8.43 2.36 -1.06
CA ASP A 165 -8.52 1.47 -2.19
C ASP A 165 -9.94 1.61 -2.68
N GLN A 166 -10.19 1.16 -3.92
CA GLN A 166 -11.51 1.22 -4.49
C GLN A 166 -12.47 0.61 -3.46
N ASP A 167 -13.64 1.22 -3.29
CA ASP A 167 -14.60 0.69 -2.34
C ASP A 167 -15.10 -0.66 -2.86
N SER A 168 -15.41 -1.57 -1.95
CA SER A 168 -15.89 -2.90 -2.34
C SER A 168 -17.37 -2.95 -2.74
N LYS A 169 -18.19 -2.04 -2.22
CA LYS A 169 -19.61 -2.03 -2.56
C LYS A 169 -19.87 -1.06 -3.72
N ASP A 170 -19.69 0.24 -3.54
CA ASP A 170 -19.82 1.11 -4.71
C ASP A 170 -18.39 0.95 -5.21
N LYS A 171 -18.03 1.45 -6.37
CA LYS A 171 -16.63 1.24 -6.77
C LYS A 171 -15.89 2.55 -6.82
N THR A 172 -16.19 3.42 -5.87
CA THR A 172 -15.57 4.73 -5.81
C THR A 172 -14.28 4.77 -5.01
N TYR A 173 -13.62 5.92 -5.07
CA TYR A 173 -12.38 6.16 -4.37
C TYR A 173 -12.58 7.37 -3.51
N SER A 174 -11.73 7.50 -2.49
CA SER A 174 -11.77 8.63 -1.55
C SER A 174 -10.33 9.01 -1.21
N MET A 175 -10.14 10.29 -0.94
CA MET A 175 -8.82 10.80 -0.63
C MET A 175 -8.88 11.82 0.49
N SER A 176 -7.83 11.83 1.31
CA SER A 176 -7.74 12.77 2.41
C SER A 176 -6.43 13.51 2.24
N SER A 177 -6.45 14.82 2.51
CA SER A 177 -5.25 15.63 2.38
C SER A 177 -5.15 16.51 3.61
N THR A 178 -3.96 16.57 4.18
CA THR A 178 -3.73 17.37 5.37
C THR A 178 -2.54 18.30 5.28
N LEU A 179 -2.81 19.58 5.56
CA LEU A 179 -1.79 20.63 5.57
C LEU A 179 -1.49 20.95 7.03
N THR A 180 -0.24 20.75 7.44
CA THR A 180 0.14 21.02 8.82
C THR A 180 1.13 22.17 8.94
N LEU A 181 0.86 23.07 9.88
CA LEU A 181 1.70 24.23 10.10
C LEU A 181 1.82 24.46 11.60
N THR A 182 2.65 25.41 11.98
CA THR A 182 2.78 25.76 13.39
C THR A 182 1.55 26.60 13.67
N LYS A 183 1.24 26.81 14.94
CA LYS A 183 0.10 27.64 15.31
C LYS A 183 0.37 29.06 14.86
N ASP A 184 1.62 29.51 15.04
CA ASP A 184 2.02 30.86 14.66
C ASP A 184 1.88 31.14 13.17
N GLU A 185 2.41 30.23 12.34
CA GLU A 185 2.31 30.45 10.91
C GLU A 185 0.84 30.50 10.53
N TYR A 186 0.08 29.57 11.10
CA TYR A 186 -1.35 29.49 10.83
C TYR A 186 -2.01 30.82 11.15
N GLU A 187 -1.68 31.39 12.30
CA GLU A 187 -2.28 32.65 12.71
C GLU A 187 -1.77 33.91 12.01
N ARG A 188 -0.78 33.77 11.13
CA ARG A 188 -0.27 34.92 10.38
C ARG A 188 -1.03 35.02 9.07
N HIS A 189 -1.97 34.11 8.83
CA HIS A 189 -2.72 34.15 7.59
C HIS A 189 -4.22 33.98 7.76
N ASN A 190 -4.96 34.30 6.69
CA ASN A 190 -6.41 34.28 6.75
C ASN A 190 -7.20 33.20 6.02
N SER A 191 -7.07 33.14 4.70
CA SER A 191 -7.86 32.20 3.91
C SER A 191 -7.17 30.88 3.61
N TYR A 192 -7.91 29.78 3.76
CA TYR A 192 -7.38 28.47 3.47
C TYR A 192 -8.26 27.77 2.44
N THR A 193 -7.66 27.43 1.31
CA THR A 193 -8.36 26.79 0.21
C THR A 193 -7.88 25.40 -0.14
N CYS A 194 -8.85 24.55 -0.50
CA CYS A 194 -8.59 23.18 -0.92
C CYS A 194 -9.25 23.03 -2.30
N GLU A 195 -8.45 22.86 -3.35
CA GLU A 195 -8.99 22.73 -4.69
C GLU A 195 -8.84 21.33 -5.27
N ALA A 196 -9.95 20.78 -5.74
CA ALA A 196 -9.95 19.44 -6.31
C ALA A 196 -10.20 19.50 -7.80
N THR A 197 -9.22 19.05 -8.58
CA THR A 197 -9.40 19.03 -10.02
C THR A 197 -9.61 17.57 -10.38
N HIS A 198 -10.78 17.30 -10.96
CA HIS A 198 -11.13 15.94 -11.36
C HIS A 198 -11.66 16.04 -12.77
N LYS A 199 -11.46 15.00 -13.56
CA LYS A 199 -11.90 15.00 -14.95
C LYS A 199 -13.39 15.19 -15.14
N LYS A 200 -14.18 15.05 -14.08
CA LYS A 200 -15.63 15.21 -14.18
C LYS A 200 -16.05 16.68 -14.36
N SER A 201 -15.07 17.58 -14.43
CA SER A 201 -15.36 19.00 -14.65
C SER A 201 -14.06 19.72 -14.98
N THR A 202 -14.13 20.74 -15.85
CA THR A 202 -12.92 21.48 -16.20
C THR A 202 -12.58 22.43 -15.07
N SER A 203 -13.60 22.92 -14.38
CA SER A 203 -13.41 23.84 -13.29
C SER A 203 -13.19 23.06 -12.00
N PRO A 204 -12.16 23.43 -11.23
CA PRO A 204 -11.87 22.75 -9.97
C PRO A 204 -12.99 22.96 -8.96
N ILE A 205 -13.12 22.04 -8.01
CA ILE A 205 -14.12 22.18 -6.96
C ILE A 205 -13.36 22.91 -5.85
N VAL A 206 -13.92 24.02 -5.36
CA VAL A 206 -13.23 24.80 -4.35
C VAL A 206 -13.92 24.91 -3.00
N LYS A 207 -13.18 24.62 -1.95
CA LYS A 207 -13.67 24.72 -0.58
C LYS A 207 -12.61 25.47 0.21
N SER A 208 -13.05 26.45 0.99
CA SER A 208 -12.14 27.24 1.79
C SER A 208 -12.89 27.94 2.90
N PHE A 209 -12.12 28.50 3.82
CA PHE A 209 -12.69 29.22 4.95
C PHE A 209 -11.68 30.29 5.33
N ASN A 210 -12.16 31.34 5.96
CA ASN A 210 -11.29 32.43 6.38
C ASN A 210 -11.23 32.40 7.91
N ARG A 211 -10.06 32.62 8.47
CA ARG A 211 -9.91 32.64 9.91
C ARG A 211 -10.64 33.83 10.51
N ASN A 212 -10.68 34.94 9.79
CA ASN A 212 -11.34 36.14 10.29
C ASN A 212 -12.86 35.97 10.37
N GLU A 213 -13.46 35.27 9.40
CA GLU A 213 -14.89 35.05 9.44
C GLU A 213 -15.17 33.97 10.48
N CYS A 214 -14.11 33.50 11.13
CA CYS A 214 -14.27 32.50 12.16
C CYS A 214 -14.16 33.16 13.51
N GLU B 1 0.41 -28.50 0.97
CA GLU B 1 1.22 -28.76 2.20
C GLU B 1 2.49 -27.92 2.22
N VAL B 2 2.83 -27.33 1.06
CA VAL B 2 4.03 -26.49 0.98
C VAL B 2 3.73 -25.16 1.64
N GLN B 3 4.35 -24.92 2.79
CA GLN B 3 4.14 -23.67 3.50
C GLN B 3 5.46 -23.00 3.89
N LEU B 4 5.46 -21.68 3.85
CA LEU B 4 6.63 -20.89 4.22
C LEU B 4 6.11 -19.85 5.19
N GLN B 5 6.41 -20.00 6.47
CA GLN B 5 5.94 -19.03 7.46
C GLN B 5 7.10 -18.12 7.84
N GLN B 6 6.94 -16.83 7.56
CA GLN B 6 7.98 -15.87 7.85
C GLN B 6 7.82 -15.28 9.25
N SER B 7 8.83 -14.52 9.68
CA SER B 7 8.84 -13.90 11.00
C SER B 7 7.72 -12.88 11.16
N GLY B 8 7.65 -12.29 12.35
CA GLY B 8 6.66 -11.27 12.63
C GLY B 8 7.27 -9.91 12.33
N ALA B 9 6.41 -8.89 12.21
CA ALA B 9 6.83 -7.53 11.91
C ALA B 9 8.06 -7.13 12.73
N GLU B 10 8.89 -6.26 12.17
CA GLU B 10 10.11 -5.81 12.84
C GLU B 10 10.24 -4.31 13.00
N LEU B 11 10.78 -3.91 14.16
CA LEU B 11 10.98 -2.50 14.51
C LEU B 11 12.44 -2.36 14.94
N VAL B 12 13.19 -1.52 14.22
CA VAL B 12 14.59 -1.34 14.54
C VAL B 12 15.05 0.08 14.21
N ARG B 13 16.07 0.54 14.93
CA ARG B 13 16.61 1.88 14.72
C ARG B 13 17.69 1.84 13.67
N ALA B 14 17.86 2.94 12.94
CA ALA B 14 18.86 3.02 11.89
C ALA B 14 20.23 2.66 12.43
N GLY B 15 21.12 2.27 11.53
CA GLY B 15 22.47 1.90 11.94
C GLY B 15 22.51 0.54 12.57
N SER B 16 21.34 0.04 12.94
CA SER B 16 21.26 -1.28 13.55
C SER B 16 21.10 -2.35 12.46
N SER B 17 20.92 -3.60 12.89
CA SER B 17 20.76 -4.71 11.97
C SER B 17 19.61 -5.60 12.44
N VAL B 18 19.11 -6.45 11.54
CA VAL B 18 18.02 -7.35 11.88
C VAL B 18 18.15 -8.68 11.15
N LYS B 19 17.51 -9.70 11.70
CA LYS B 19 17.55 -11.03 11.13
C LYS B 19 16.17 -11.67 11.12
N MET B 20 15.60 -11.89 9.94
CA MET B 20 14.28 -12.50 9.85
C MET B 20 14.39 -13.94 9.38
N SER B 21 13.34 -14.72 9.63
CA SER B 21 13.33 -16.14 9.29
C SER B 21 12.19 -16.54 8.36
N CYS B 22 12.32 -17.73 7.78
CA CYS B 22 11.35 -18.26 6.84
C CYS B 22 11.38 -19.77 7.06
N LYS B 23 10.40 -20.28 7.80
CA LYS B 23 10.32 -21.71 8.08
C LYS B 23 9.52 -22.40 7.00
N ALA B 24 10.10 -23.46 6.44
CA ALA B 24 9.46 -24.22 5.39
C ALA B 24 8.94 -25.56 5.91
N SER B 25 7.92 -26.09 5.23
CA SER B 25 7.34 -27.37 5.60
C SER B 25 6.61 -27.92 4.40
N GLY B 26 6.28 -29.21 4.43
CA GLY B 26 5.55 -29.82 3.34
C GLY B 26 6.38 -30.24 2.13
N TYR B 27 7.69 -30.08 2.20
CA TYR B 27 8.54 -30.47 1.09
C TYR B 27 9.98 -30.64 1.59
N THR B 28 10.86 -31.16 0.73
CA THR B 28 12.26 -31.36 1.08
C THR B 28 13.05 -30.05 1.01
N PHE B 29 13.24 -29.44 2.17
CA PHE B 29 13.95 -28.17 2.32
C PHE B 29 15.24 -27.99 1.53
N THR B 30 16.11 -28.99 1.54
CA THR B 30 17.38 -28.89 0.85
C THR B 30 17.28 -29.12 -0.66
N SER B 31 16.11 -29.53 -1.13
CA SER B 31 15.91 -29.78 -2.55
C SER B 31 15.48 -28.56 -3.33
N TYR B 32 15.23 -27.45 -2.63
CA TYR B 32 14.83 -26.23 -3.31
C TYR B 32 15.54 -24.99 -2.74
N GLY B 33 15.71 -24.00 -3.60
CA GLY B 33 16.36 -22.77 -3.20
C GLY B 33 15.36 -21.81 -2.62
N ILE B 34 15.89 -20.83 -1.89
CA ILE B 34 15.09 -19.79 -1.26
C ILE B 34 15.57 -18.45 -1.81
N ASN B 35 14.62 -17.64 -2.23
CA ASN B 35 14.90 -16.31 -2.76
C ASN B 35 14.24 -15.31 -1.81
N TRP B 36 14.75 -14.10 -1.77
CA TRP B 36 14.16 -13.07 -0.95
C TRP B 36 13.83 -11.89 -1.85
N VAL B 37 12.63 -11.36 -1.68
CA VAL B 37 12.14 -10.25 -2.46
C VAL B 37 11.80 -9.08 -1.55
N LYS B 38 12.01 -7.88 -2.08
CA LYS B 38 11.76 -6.69 -1.31
C LYS B 38 10.64 -5.86 -1.94
N GLN B 39 9.68 -5.45 -1.12
CA GLN B 39 8.59 -4.63 -1.62
C GLN B 39 8.30 -3.41 -0.76
N ARG B 40 8.69 -2.26 -1.28
CA ARG B 40 8.38 -1.00 -0.63
C ARG B 40 7.11 -0.57 -1.37
N PRO B 41 6.13 0.01 -0.66
CA PRO B 41 4.88 0.43 -1.31
C PRO B 41 5.01 1.04 -2.70
N GLY B 42 6.19 1.56 -3.02
CA GLY B 42 6.40 2.14 -4.33
C GLY B 42 7.56 1.47 -5.04
N GLN B 43 7.37 1.17 -6.33
CA GLN B 43 8.37 0.50 -7.17
C GLN B 43 7.80 -0.75 -7.82
N GLY B 44 7.70 -1.79 -6.98
CA GLY B 44 7.21 -3.07 -7.40
C GLY B 44 7.95 -4.05 -6.51
N LEU B 45 8.56 -5.06 -7.10
CA LEU B 45 9.29 -6.03 -6.31
C LEU B 45 10.74 -6.03 -6.76
N GLU B 46 11.64 -6.22 -5.81
CA GLU B 46 13.07 -6.26 -6.09
C GLU B 46 13.63 -7.60 -5.66
N TRP B 47 14.51 -8.17 -6.47
CA TRP B 47 15.12 -9.44 -6.13
C TRP B 47 16.38 -9.19 -5.30
N ILE B 48 16.40 -9.67 -4.06
CA ILE B 48 17.56 -9.49 -3.19
C ILE B 48 18.67 -10.50 -3.50
N GLY B 49 18.29 -11.77 -3.46
CA GLY B 49 19.25 -12.82 -3.71
C GLY B 49 18.66 -14.20 -3.50
N TYR B 50 19.51 -15.21 -3.56
CA TYR B 50 19.07 -16.59 -3.46
C TYR B 50 20.09 -17.47 -2.72
N ILE B 51 19.60 -18.52 -2.07
CA ILE B 51 20.47 -19.47 -1.37
C ILE B 51 20.02 -20.89 -1.63
N ASN B 52 20.97 -21.82 -1.59
CA ASN B 52 20.67 -23.24 -1.79
C ASN B 52 20.87 -23.92 -0.44
N PRO B 53 19.77 -24.31 0.21
CA PRO B 53 19.89 -24.98 1.52
C PRO B 53 20.84 -26.17 1.49
N GLY B 54 20.74 -26.95 0.43
CA GLY B 54 21.61 -28.11 0.31
C GLY B 54 23.08 -27.80 0.52
N ASN B 55 23.63 -26.88 -0.27
CA ASN B 55 25.05 -26.55 -0.17
C ASN B 55 25.39 -25.20 0.45
N GLY B 56 24.38 -24.43 0.82
CA GLY B 56 24.66 -23.13 1.43
C GLY B 56 25.14 -22.09 0.43
N TYR B 57 25.08 -22.42 -0.86
CA TYR B 57 25.48 -21.51 -1.92
C TYR B 57 24.55 -20.30 -1.97
N THR B 58 25.14 -19.12 -2.13
CA THR B 58 24.36 -17.90 -2.18
C THR B 58 24.79 -17.00 -3.31
N LYS B 59 23.79 -16.37 -3.93
CA LYS B 59 24.02 -15.45 -5.03
C LYS B 59 23.23 -14.19 -4.65
N TYR B 60 23.89 -13.04 -4.71
CA TYR B 60 23.26 -11.79 -4.35
C TYR B 60 23.07 -10.83 -5.50
N ASN B 61 22.09 -9.96 -5.33
CA ASN B 61 21.81 -8.91 -6.28
C ASN B 61 22.83 -7.86 -5.88
N GLU B 62 23.65 -7.43 -6.82
CA GLU B 62 24.69 -6.44 -6.52
C GLU B 62 24.24 -5.30 -5.59
N LYS B 63 23.07 -4.74 -5.87
CA LYS B 63 22.52 -3.64 -5.06
C LYS B 63 22.35 -4.00 -3.60
N PHE B 64 22.00 -5.25 -3.33
CA PHE B 64 21.77 -5.69 -1.95
C PHE B 64 22.91 -6.41 -1.26
N LYS B 65 23.97 -6.68 -1.99
CA LYS B 65 25.11 -7.37 -1.39
C LYS B 65 25.88 -6.36 -0.54
N GLY B 66 26.56 -6.84 0.49
CA GLY B 66 27.30 -5.94 1.32
C GLY B 66 26.54 -5.65 2.60
N LYS B 67 25.24 -5.45 2.47
CA LYS B 67 24.39 -5.20 3.63
C LYS B 67 23.49 -6.39 3.91
N THR B 68 23.43 -7.34 2.98
CA THR B 68 22.59 -8.51 3.15
C THR B 68 23.37 -9.83 3.23
N THR B 69 22.94 -10.70 4.15
CA THR B 69 23.56 -12.01 4.32
C THR B 69 22.50 -13.11 4.48
N LEU B 70 22.48 -14.01 3.52
CA LEU B 70 21.52 -15.11 3.54
C LEU B 70 22.16 -16.36 4.13
N THR B 71 21.46 -16.95 5.08
CA THR B 71 21.94 -18.16 5.73
C THR B 71 20.80 -19.16 5.79
N VAL B 72 21.07 -20.33 6.34
CA VAL B 72 20.06 -21.36 6.41
C VAL B 72 20.34 -22.40 7.49
N ASP B 73 19.27 -22.94 8.07
CA ASP B 73 19.40 -23.96 9.10
C ASP B 73 18.69 -25.22 8.61
N LYS B 74 19.49 -26.18 8.17
CA LYS B 74 18.96 -27.45 7.64
C LYS B 74 18.26 -28.29 8.69
N SER B 75 18.57 -28.08 9.96
CA SER B 75 17.95 -28.85 11.04
C SER B 75 16.55 -28.39 11.44
N SER B 76 16.15 -27.22 10.99
CA SER B 76 14.83 -26.70 11.31
C SER B 76 14.14 -26.22 10.03
N SER B 77 14.78 -26.50 8.90
CA SER B 77 14.24 -26.10 7.60
C SER B 77 13.90 -24.61 7.64
N THR B 78 14.88 -23.81 8.01
CA THR B 78 14.69 -22.37 8.13
C THR B 78 15.79 -21.58 7.44
N ALA B 79 15.38 -20.59 6.65
CA ALA B 79 16.33 -19.75 5.96
C ALA B 79 16.28 -18.40 6.67
N TYR B 80 17.42 -17.74 6.81
CA TYR B 80 17.46 -16.45 7.47
C TYR B 80 18.03 -15.40 6.54
N MET B 81 17.63 -14.15 6.74
CA MET B 81 18.15 -13.05 5.96
C MET B 81 18.47 -11.92 6.93
N GLN B 82 19.75 -11.54 6.98
CA GLN B 82 20.18 -10.47 7.86
C GLN B 82 20.48 -9.21 7.09
N LEU B 83 19.94 -8.08 7.57
CA LEU B 83 20.15 -6.77 6.96
C LEU B 83 21.00 -5.93 7.91
N ARG B 84 22.06 -5.31 7.39
CA ARG B 84 22.94 -4.49 8.22
C ARG B 84 22.96 -3.03 7.79
N SER B 85 23.45 -2.18 8.71
CA SER B 85 23.54 -0.75 8.46
C SER B 85 22.21 -0.31 7.88
N LEU B 86 21.15 -0.48 8.66
CA LEU B 86 19.82 -0.14 8.20
C LEU B 86 19.57 1.35 8.09
N THR B 87 18.75 1.72 7.12
CA THR B 87 18.39 3.11 6.90
C THR B 87 16.90 3.05 6.59
N SER B 88 16.26 4.21 6.38
CA SER B 88 14.84 4.20 6.08
C SER B 88 14.60 3.57 4.72
N GLU B 89 15.66 3.44 3.94
CA GLU B 89 15.54 2.83 2.62
C GLU B 89 15.29 1.33 2.75
N ASP B 90 15.49 0.80 3.96
CA ASP B 90 15.28 -0.62 4.17
C ASP B 90 13.90 -0.92 4.73
N SER B 91 13.08 0.12 4.90
CA SER B 91 11.73 -0.06 5.42
C SER B 91 10.82 -0.56 4.30
N ALA B 92 10.43 -1.82 4.40
CA ALA B 92 9.54 -2.46 3.42
C ALA B 92 9.12 -3.84 3.91
N VAL B 93 8.32 -4.52 3.11
CA VAL B 93 7.92 -5.87 3.46
C VAL B 93 8.84 -6.77 2.64
N TYR B 94 9.32 -7.84 3.27
CA TYR B 94 10.22 -8.78 2.63
C TYR B 94 9.58 -10.16 2.51
N PHE B 95 9.69 -10.77 1.33
CA PHE B 95 9.14 -12.09 1.11
C PHE B 95 10.24 -13.11 0.81
N CYS B 96 10.02 -14.35 1.23
CA CYS B 96 10.94 -15.43 0.87
C CYS B 96 10.06 -16.25 -0.08
N ALA B 97 10.68 -16.99 -0.97
CA ALA B 97 9.92 -17.79 -1.90
C ALA B 97 10.76 -18.96 -2.40
N ARG B 98 10.09 -20.07 -2.70
CA ARG B 98 10.77 -21.27 -3.18
C ARG B 98 10.96 -21.22 -4.70
N SER B 99 12.09 -21.75 -5.16
CA SER B 99 12.39 -21.79 -6.59
C SER B 99 12.25 -23.22 -7.07
N VAL B 100 11.85 -23.38 -8.33
CA VAL B 100 11.72 -24.69 -8.94
C VAL B 100 12.37 -24.61 -10.31
N TYR B 101 12.94 -25.72 -10.75
CA TYR B 101 13.65 -25.77 -12.02
C TYR B 101 12.88 -26.29 -13.23
N TYR B 102 12.49 -25.41 -14.14
CA TYR B 102 11.83 -25.87 -15.35
C TYR B 102 12.63 -25.37 -16.53
N GLY B 103 12.83 -26.24 -17.52
CA GLY B 103 13.60 -25.86 -18.69
C GLY B 103 14.98 -25.38 -18.27
N GLY B 104 15.39 -24.23 -18.78
CA GLY B 104 16.70 -23.71 -18.45
C GLY B 104 16.83 -23.07 -17.07
N SER B 105 15.78 -22.41 -16.58
CA SER B 105 15.90 -21.75 -15.28
C SER B 105 14.80 -21.97 -14.25
N TYR B 106 14.73 -21.04 -13.30
CA TYR B 106 13.80 -21.09 -12.18
C TYR B 106 12.68 -20.06 -12.13
N TYR B 107 11.72 -20.35 -11.26
CA TYR B 107 10.58 -19.49 -11.02
C TYR B 107 10.14 -19.74 -9.57
N PHE B 108 9.44 -18.78 -8.96
CA PHE B 108 9.01 -18.92 -7.58
C PHE B 108 7.58 -19.45 -7.50
N ASP B 109 7.44 -20.69 -7.03
CA ASP B 109 6.13 -21.32 -6.96
C ASP B 109 5.39 -21.14 -5.63
N TYR B 110 6.12 -20.85 -4.56
CA TYR B 110 5.49 -20.62 -3.26
C TYR B 110 6.14 -19.49 -2.48
N TRP B 111 5.30 -18.61 -1.95
CA TRP B 111 5.73 -17.44 -1.19
C TRP B 111 5.19 -17.41 0.25
N GLY B 112 5.90 -16.70 1.11
CA GLY B 112 5.47 -16.56 2.50
C GLY B 112 4.56 -15.35 2.61
N GLN B 113 3.94 -15.14 3.78
CA GLN B 113 3.05 -14.00 3.96
C GLN B 113 3.82 -12.69 3.94
N GLY B 114 5.13 -12.78 4.14
CA GLY B 114 5.98 -11.59 4.15
C GLY B 114 6.29 -11.13 5.57
N THR B 115 7.34 -10.33 5.69
CA THR B 115 7.77 -9.80 6.99
C THR B 115 7.91 -8.31 6.85
N THR B 116 7.27 -7.56 7.74
CA THR B 116 7.36 -6.12 7.65
C THR B 116 8.45 -5.57 8.56
N LEU B 117 9.31 -4.74 7.96
CA LEU B 117 10.40 -4.12 8.68
C LEU B 117 10.22 -2.61 8.61
N THR B 118 10.26 -1.96 9.79
CA THR B 118 10.14 -0.52 9.85
C THR B 118 11.37 -0.01 10.59
N VAL B 119 12.17 0.82 9.91
CA VAL B 119 13.40 1.38 10.50
C VAL B 119 13.08 2.77 11.03
N SER B 120 13.16 2.92 12.35
CA SER B 120 12.84 4.19 12.99
C SER B 120 13.25 4.18 14.46
N SER B 121 13.28 5.37 15.06
CA SER B 121 13.66 5.50 16.47
C SER B 121 12.47 5.79 17.35
N ALA B 122 11.27 5.75 16.75
CA ALA B 122 10.04 5.99 17.49
C ALA B 122 9.80 4.85 18.48
N LYS B 123 9.05 5.14 19.53
CA LYS B 123 8.71 4.17 20.56
C LYS B 123 7.20 4.20 20.67
N THR B 124 6.60 3.14 21.22
CA THR B 124 5.15 3.10 21.35
C THR B 124 4.66 4.41 21.95
N THR B 125 3.79 5.10 21.23
CA THR B 125 3.24 6.36 21.68
C THR B 125 1.82 6.55 21.12
N PRO B 126 0.85 6.81 22.01
CA PRO B 126 -0.57 7.02 21.70
C PRO B 126 -0.81 8.23 20.81
N PRO B 127 -1.84 8.16 19.97
CA PRO B 127 -2.16 9.26 19.07
C PRO B 127 -2.91 10.39 19.77
N SER B 128 -2.89 11.58 19.17
CA SER B 128 -3.68 12.68 19.72
C SER B 128 -4.92 12.56 18.82
N VAL B 129 -6.11 12.72 19.39
CA VAL B 129 -7.32 12.63 18.58
C VAL B 129 -8.03 13.99 18.56
N TYR B 130 -8.00 14.62 17.39
CA TYR B 130 -8.63 15.93 17.21
C TYR B 130 -9.93 15.81 16.46
N PRO B 131 -10.98 16.48 16.96
CA PRO B 131 -12.31 16.45 16.33
C PRO B 131 -12.34 17.42 15.14
N LEU B 132 -12.97 17.00 14.05
CA LEU B 132 -13.06 17.86 12.89
C LEU B 132 -14.49 18.30 12.61
N ALA B 133 -14.84 19.49 13.07
CA ALA B 133 -16.18 20.03 12.87
C ALA B 133 -16.18 21.07 11.76
N PRO B 134 -17.35 21.34 11.15
CA PRO B 134 -17.46 22.34 10.07
C PRO B 134 -16.84 23.66 10.50
N GLY B 135 -16.35 24.42 9.51
CA GLY B 135 -15.69 25.67 9.82
C GLY B 135 -16.37 27.02 9.68
N SER B 136 -17.30 27.32 10.60
CA SER B 136 -17.97 28.62 10.59
C SER B 136 -18.09 29.03 12.05
N ALA B 137 -16.94 29.31 12.67
CA ALA B 137 -16.92 29.71 14.07
C ALA B 137 -16.50 31.15 14.31
N SER B 142 -28.22 19.38 3.95
CA SER B 142 -28.91 18.09 4.02
C SER B 142 -28.02 17.01 4.59
N MET B 143 -26.78 16.97 4.09
CA MET B 143 -25.78 16.01 4.53
C MET B 143 -24.64 16.82 5.13
N VAL B 144 -24.10 16.38 6.26
CA VAL B 144 -22.99 17.07 6.90
C VAL B 144 -21.84 16.11 7.15
N THR B 145 -20.64 16.50 6.70
CA THR B 145 -19.47 15.65 6.90
C THR B 145 -18.69 16.12 8.13
N LEU B 146 -18.23 15.16 8.91
CA LEU B 146 -17.48 15.45 10.13
C LEU B 146 -16.25 14.55 10.09
N GLY B 147 -15.20 14.95 10.79
CA GLY B 147 -13.99 14.16 10.77
C GLY B 147 -13.34 13.95 12.12
N CYS B 148 -12.21 13.27 12.06
CA CYS B 148 -11.47 12.95 13.27
C CYS B 148 -10.01 12.73 12.83
N LEU B 149 -9.11 13.56 13.33
CA LEU B 149 -7.69 13.46 12.98
C LEU B 149 -6.92 12.71 14.06
N VAL B 150 -6.37 11.56 13.68
CA VAL B 150 -5.60 10.72 14.59
C VAL B 150 -4.14 10.98 14.24
N LYS B 151 -3.49 11.81 15.04
CA LYS B 151 -2.13 12.20 14.76
C LYS B 151 -1.06 11.92 15.82
N GLY B 152 0.12 11.54 15.33
CA GLY B 152 1.27 11.28 16.17
C GLY B 152 1.32 9.98 16.96
N TYR B 153 1.03 8.85 16.31
CA TYR B 153 1.06 7.58 17.02
C TYR B 153 2.06 6.62 16.42
N PHE B 154 2.38 5.57 17.18
CA PHE B 154 3.31 4.56 16.74
C PHE B 154 3.25 3.38 17.71
N PRO B 155 3.24 2.15 17.18
CA PRO B 155 3.25 1.83 15.75
C PRO B 155 1.84 1.52 15.30
N GLU B 156 1.67 1.18 14.02
CA GLU B 156 0.36 0.81 13.51
C GLU B 156 0.01 -0.48 14.23
N PRO B 157 -1.27 -0.88 14.24
CA PRO B 157 -2.42 -0.22 13.63
C PRO B 157 -3.24 0.56 14.64
N VAL B 158 -4.26 1.25 14.14
CA VAL B 158 -5.18 2.00 14.95
C VAL B 158 -6.57 1.57 14.47
N THR B 159 -7.55 1.59 15.37
CA THR B 159 -8.90 1.20 15.00
C THR B 159 -9.84 2.36 15.23
N VAL B 160 -10.50 2.81 14.16
CA VAL B 160 -11.44 3.90 14.24
C VAL B 160 -12.86 3.43 13.95
N THR B 161 -13.79 3.89 14.77
CA THR B 161 -15.20 3.58 14.59
C THR B 161 -15.97 4.83 14.99
N TRP B 162 -17.19 4.97 14.51
CA TRP B 162 -18.00 6.11 14.86
C TRP B 162 -19.21 5.67 15.69
N ASN B 163 -19.33 6.27 16.88
CA ASN B 163 -20.41 5.94 17.80
C ASN B 163 -20.34 4.43 18.09
N SER B 164 -19.12 3.93 18.18
CA SER B 164 -18.86 2.52 18.47
C SER B 164 -19.48 1.57 17.45
N GLY B 165 -19.51 2.00 16.19
CA GLY B 165 -20.07 1.13 15.16
C GLY B 165 -21.50 1.38 14.78
N SER B 166 -22.26 2.08 15.62
CA SER B 166 -23.67 2.39 15.34
C SER B 166 -23.84 3.27 14.09
N LEU B 167 -22.71 3.73 13.56
CA LEU B 167 -22.67 4.54 12.34
C LEU B 167 -21.65 3.82 11.46
N SER B 168 -22.15 3.08 10.47
CA SER B 168 -21.27 2.32 9.58
C SER B 168 -21.17 2.95 8.20
N SER B 169 -22.31 3.18 7.57
CA SER B 169 -22.34 3.75 6.23
C SER B 169 -21.85 5.20 6.26
N GLY B 170 -21.23 5.65 5.17
CA GLY B 170 -20.74 7.01 5.11
C GLY B 170 -19.41 7.23 5.84
N VAL B 171 -18.70 6.14 6.15
CA VAL B 171 -17.43 6.27 6.84
C VAL B 171 -16.28 5.87 5.91
N HIS B 172 -15.21 6.64 5.98
CA HIS B 172 -14.01 6.40 5.19
C HIS B 172 -12.86 6.60 6.15
N THR B 173 -12.13 5.55 6.44
CA THR B 173 -10.97 5.68 7.32
C THR B 173 -9.78 5.49 6.38
N PHE B 174 -8.96 6.52 6.30
CA PHE B 174 -7.82 6.53 5.41
C PHE B 174 -6.55 5.86 5.92
N PRO B 175 -5.69 5.41 5.00
CA PRO B 175 -4.42 4.75 5.31
C PRO B 175 -3.58 5.76 6.08
N ALA B 176 -2.80 5.29 7.03
CA ALA B 176 -1.96 6.17 7.82
C ALA B 176 -0.76 6.62 7.01
N VAL B 177 -0.19 7.77 7.38
CA VAL B 177 0.99 8.25 6.67
C VAL B 177 2.07 8.62 7.69
N LEU B 178 3.31 8.53 7.24
CA LEU B 178 4.45 8.85 8.09
C LEU B 178 4.66 10.37 8.19
N GLN B 179 4.26 10.93 9.31
CA GLN B 179 4.41 12.35 9.56
C GLN B 179 5.48 12.56 10.63
N SER B 180 6.74 12.40 10.23
CA SER B 180 7.90 12.58 11.11
C SER B 180 8.13 11.47 12.13
N ASP B 181 8.46 10.27 11.63
CA ASP B 181 8.68 9.12 12.49
C ASP B 181 7.41 8.66 13.17
N LEU B 182 6.36 9.46 13.02
CA LEU B 182 5.10 9.12 13.62
C LEU B 182 4.02 8.99 12.57
N TYR B 183 3.04 8.12 12.84
CA TYR B 183 1.96 7.90 11.90
C TYR B 183 0.82 8.86 12.15
N THR B 184 0.11 9.20 11.07
CA THR B 184 -1.02 10.11 11.15
C THR B 184 -2.08 9.63 10.16
N LEU B 185 -3.32 9.59 10.61
CA LEU B 185 -4.41 9.19 9.75
C LEU B 185 -5.66 10.01 10.04
N SER B 186 -6.62 9.95 9.13
CA SER B 186 -7.88 10.66 9.26
C SER B 186 -9.02 9.70 8.98
N SER B 187 -10.22 10.11 9.35
CA SER B 187 -11.40 9.31 9.14
C SER B 187 -12.57 10.27 9.02
N SER B 188 -13.50 10.00 8.12
CA SER B 188 -14.64 10.90 7.97
C SER B 188 -15.96 10.15 8.01
N VAL B 189 -16.99 10.81 8.52
CA VAL B 189 -18.31 10.21 8.59
C VAL B 189 -19.31 11.23 8.07
N THR B 190 -20.30 10.74 7.35
CA THR B 190 -21.32 11.60 6.79
C THR B 190 -22.68 11.17 7.34
N VAL B 191 -23.39 12.13 7.92
CA VAL B 191 -24.69 11.88 8.52
C VAL B 191 -25.64 13.02 8.12
N PRO B 192 -26.96 12.76 8.16
CA PRO B 192 -27.95 13.79 7.82
C PRO B 192 -27.79 15.01 8.73
N SER B 193 -28.22 16.17 8.24
CA SER B 193 -28.11 17.38 9.05
C SER B 193 -29.00 17.32 10.28
N SER B 194 -29.96 16.40 10.28
CA SER B 194 -30.87 16.26 11.41
C SER B 194 -30.25 15.57 12.64
N PRO B 195 -29.24 14.69 12.44
CA PRO B 195 -28.60 14.03 13.58
C PRO B 195 -27.54 14.85 14.33
N ARG B 196 -26.80 15.70 13.60
CA ARG B 196 -25.75 16.51 14.22
C ARG B 196 -25.95 17.99 13.95
N PRO B 197 -25.76 18.85 15.00
CA PRO B 197 -25.34 18.54 16.36
C PRO B 197 -26.50 18.17 17.29
N SER B 198 -27.66 17.91 16.70
CA SER B 198 -28.86 17.52 17.43
C SER B 198 -28.54 16.35 18.36
N GLU B 199 -27.71 15.45 17.88
CA GLU B 199 -27.32 14.26 18.62
C GLU B 199 -25.81 14.22 18.68
N THR B 200 -25.26 13.26 19.41
CA THR B 200 -23.81 13.14 19.52
C THR B 200 -23.20 12.32 18.39
N VAL B 201 -21.97 12.68 18.04
CA VAL B 201 -21.20 11.99 17.02
C VAL B 201 -19.82 11.89 17.64
N THR B 202 -19.38 10.66 17.89
CA THR B 202 -18.10 10.42 18.54
C THR B 202 -17.23 9.45 17.75
N CYS B 203 -15.97 9.80 17.57
CA CYS B 203 -15.08 8.87 16.91
C CYS B 203 -14.37 8.17 18.03
N ASN B 204 -14.16 6.88 17.85
CA ASN B 204 -13.48 6.08 18.86
C ASN B 204 -12.27 5.47 18.19
N VAL B 205 -11.10 5.87 18.67
CA VAL B 205 -9.88 5.35 18.10
C VAL B 205 -9.15 4.55 19.17
N ALA B 206 -8.76 3.35 18.79
CA ALA B 206 -8.05 2.45 19.68
C ALA B 206 -6.67 2.25 19.13
N HIS B 207 -5.70 2.16 20.03
CA HIS B 207 -4.32 1.94 19.66
C HIS B 207 -3.83 0.84 20.57
N PRO B 208 -3.96 -0.43 20.13
CA PRO B 208 -3.54 -1.60 20.90
C PRO B 208 -2.15 -1.49 21.53
N ALA B 209 -1.16 -1.13 20.74
CA ALA B 209 0.21 -1.04 21.24
C ALA B 209 0.37 -0.17 22.49
N SER B 210 -0.46 0.86 22.63
CA SER B 210 -0.35 1.72 23.80
C SER B 210 -1.49 1.49 24.75
N SER B 211 -2.28 0.46 24.48
CA SER B 211 -3.42 0.15 25.35
C SER B 211 -4.25 1.41 25.53
N THR B 212 -4.59 2.05 24.43
CA THR B 212 -5.38 3.28 24.45
C THR B 212 -6.68 3.16 23.69
N LYS B 213 -7.75 3.63 24.32
CA LYS B 213 -9.08 3.61 23.73
C LYS B 213 -9.60 5.02 23.97
N VAL B 214 -9.62 5.85 22.94
CA VAL B 214 -10.10 7.22 23.09
C VAL B 214 -11.41 7.50 22.36
N ASP B 215 -12.32 8.20 23.04
CA ASP B 215 -13.61 8.57 22.49
C ASP B 215 -13.64 10.09 22.38
N LYS B 216 -13.70 10.60 21.15
CA LYS B 216 -13.72 12.04 20.95
C LYS B 216 -15.06 12.51 20.40
N LYS B 217 -15.70 13.43 21.12
CA LYS B 217 -17.00 13.96 20.71
C LYS B 217 -16.81 15.09 19.74
N ILE B 218 -17.58 15.11 18.66
CA ILE B 218 -17.46 16.18 17.68
C ILE B 218 -18.50 17.26 17.96
N VAL B 219 -18.04 18.39 18.49
CA VAL B 219 -18.92 19.50 18.80
C VAL B 219 -18.68 20.70 17.89
N PRO B 220 -19.74 21.49 17.65
CA PRO B 220 -19.65 22.68 16.81
C PRO B 220 -18.63 23.73 17.20
N ARG B 221 -18.30 24.55 16.20
CA ARG B 221 -17.29 25.61 16.27
C ARG B 221 -16.07 24.99 15.61
N ASP B 222 -15.13 25.83 15.17
CA ASP B 222 -13.88 25.42 14.49
C ASP B 222 -13.81 24.06 13.77
N ARG C 4 9.68 -27.54 -23.89
CA ARG C 4 8.69 -28.28 -24.72
C ARG C 4 9.29 -29.63 -25.13
N PRO C 5 9.39 -30.57 -24.16
CA PRO C 5 8.97 -30.31 -22.78
C PRO C 5 10.02 -30.10 -21.68
N SER C 6 9.54 -30.43 -20.48
CA SER C 6 10.18 -30.38 -19.16
C SER C 6 11.53 -29.82 -18.70
N TYR C 7 12.11 -30.56 -17.75
CA TYR C 7 13.32 -30.25 -16.97
C TYR C 7 12.36 -29.73 -15.88
N ILE C 8 12.27 -30.38 -14.72
CA ILE C 8 11.24 -29.95 -13.78
C ILE C 8 11.32 -29.61 -12.27
N SER C 9 11.74 -30.53 -11.41
CA SER C 9 11.74 -30.24 -9.97
C SER C 9 13.00 -29.70 -9.25
N HIS C 10 13.21 -28.40 -9.41
CA HIS C 10 14.28 -27.58 -8.84
C HIS C 10 15.64 -28.07 -8.33
N LEU C 11 16.64 -27.22 -8.62
CA LEU C 11 18.06 -27.32 -8.24
C LEU C 11 18.72 -28.69 -8.17
N LEU C 12 18.02 -29.73 -8.23
#